data_6A6U
#
_entry.id   6A6U
#
_cell.length_a   72.922
_cell.length_b   72.922
_cell.length_c   160.053
_cell.angle_alpha   90.00
_cell.angle_beta   90.00
_cell.angle_gamma   120.00
#
_symmetry.space_group_name_H-M   'P 32 2 1'
#
loop_
_entity.id
_entity.type
_entity.pdbx_description
1 polymer 'Fructosyl amine: oxygen oxidoreductase'
2 non-polymer 'FLAVIN-ADENINE DINUCLEOTIDE'
3 non-polymer 1-S-(carboxymethyl)-1-thio-beta-D-fructopyranose
4 non-polymer (4S,5S)-1,2-DITHIANE-4,5-DIOL
5 non-polymer 'SULFATE ION'
6 water water
#
_entity_poly.entity_id   1
_entity_poly.type   'polypeptide(L)'
_entity_poly.pdbx_seq_one_letter_code
;MAPRANTKIIVVGGGGTMGSSTALHLLRAGYTPSNITVLDTYPIPSAQSAGYDLNKIFGIGLRNKPDLQLYLEALDMWKN
DPLFKPFFHNVGQMDVSSTEEGIKKLRMRYQSLLDAGIGLEKTNFLLESEDEILAKAPHFTREQIKGWKGLF(CSO)GDG
GWLAAAKAINAIGQFLKEQGVKFGFGEAGTFKKPLFADADEKTCIGVETVDGTKYYADKVVLAAGAWSSTLVDLEEQCVS
KAWVFAHIQLTPAEAAAYKNTPVIYDGDYGFFIEPDENGIIKVCDEFPGFTHFKMHQPYGSPVPKLISVPRSHAKHPTDT
YPHASEVTIKKAINRFLPRFNDKELFNRAMCWCTDTADANLLVCEHPRWKGFYLATGDSGHSFKLLPNIGKHVVELLEGR
LESVFKDAWRWRPGSGDALKSRRAAPAKDLADMPGWRNEAKM
;
_entity_poly.pdbx_strand_id   A
#
loop_
_chem_comp.id
_chem_comp.type
_chem_comp.name
_chem_comp.formula
D1D non-polymer (4S,5S)-1,2-DITHIANE-4,5-DIOL 'C4 H8 O2 S2'
FAD non-polymer 'FLAVIN-ADENINE DINUCLEOTIDE' 'C27 H33 N9 O15 P2'
FSA D-saccharide, beta linking 1-S-(carboxymethyl)-1-thio-beta-D-fructopyranose 'C8 H14 O7 S'
SO4 non-polymer 'SULFATE ION' 'O4 S -2'
#
# COMPACT_ATOMS: atom_id res chain seq x y z
N PRO A 3 13.93 -0.69 29.06
CA PRO A 3 13.57 -2.00 28.51
C PRO A 3 12.23 -1.93 27.79
N ARG A 4 11.95 -2.92 26.93
CA ARG A 4 10.74 -2.91 26.13
C ARG A 4 9.47 -2.77 26.98
N ALA A 5 9.39 -3.54 28.05
CA ALA A 5 8.18 -3.54 28.89
C ALA A 5 7.92 -2.19 29.54
N ASN A 6 8.95 -1.36 29.68
CA ASN A 6 8.78 -0.04 30.31
C ASN A 6 8.85 1.12 29.34
N THR A 7 8.78 0.84 28.05
CA THR A 7 8.91 1.87 27.04
C THR A 7 7.55 2.20 26.42
N LYS A 8 7.22 3.49 26.39
CA LYS A 8 5.93 3.95 25.89
C LYS A 8 6.11 4.40 24.45
N ILE A 9 5.23 3.91 23.59
CA ILE A 9 5.24 4.22 22.16
C ILE A 9 3.89 4.74 21.70
N ILE A 10 3.91 5.77 20.86
CA ILE A 10 2.70 6.24 20.16
C ILE A 10 2.82 5.89 18.68
N VAL A 11 1.81 5.22 18.14
CA VAL A 11 1.81 4.91 16.71
C VAL A 11 0.74 5.74 16.02
N VAL A 12 1.17 6.82 15.38
CA VAL A 12 0.29 7.68 14.59
C VAL A 12 -0.06 6.97 13.28
N GLY A 13 -1.33 6.77 13.00
CA GLY A 13 -1.73 6.02 11.81
C GLY A 13 -1.76 4.51 12.08
N GLY A 14 -1.92 4.15 13.35
CA GLY A 14 -1.87 2.74 13.75
C GLY A 14 -3.09 1.92 13.34
N GLY A 15 -4.08 2.60 12.76
CA GLY A 15 -5.22 1.91 12.20
C GLY A 15 -5.02 1.55 10.73
N GLY A 16 -3.85 1.89 10.19
CA GLY A 16 -3.52 1.63 8.80
C GLY A 16 -2.53 0.48 8.64
N THR A 17 -1.87 0.41 7.49
CA THR A 17 -1.08 -0.77 7.10
C THR A 17 0.23 -0.85 7.90
N MET A 18 1.11 0.10 7.65
CA MET A 18 2.42 0.12 8.32
C MET A 18 2.27 0.33 9.82
N GLY A 19 1.30 1.15 10.22
CA GLY A 19 1.05 1.42 11.62
C GLY A 19 0.55 0.21 12.40
N SER A 20 -0.42 -0.53 11.84
CA SER A 20 -0.94 -1.71 12.54
C SER A 20 0.14 -2.78 12.60
N SER A 21 0.89 -2.95 11.53
CA SER A 21 2.00 -3.89 11.54
C SER A 21 2.99 -3.57 12.67
N THR A 22 3.30 -2.29 12.80
CA THR A 22 4.20 -1.84 13.85
C THR A 22 3.65 -2.17 15.24
N ALA A 23 2.38 -1.88 15.46
CA ALA A 23 1.75 -2.14 16.76
C ALA A 23 1.77 -3.62 17.07
N LEU A 24 1.48 -4.45 16.07
CA LEU A 24 1.55 -5.90 16.24
C LEU A 24 2.93 -6.36 16.72
N HIS A 25 3.96 -5.87 16.05
CA HIS A 25 5.30 -6.34 16.33
C HIS A 25 5.86 -5.77 17.63
N LEU A 26 5.33 -4.63 18.07
CA LEU A 26 5.69 -4.15 19.43
C LEU A 26 5.17 -5.14 20.45
N LEU A 27 3.94 -5.62 20.26
CA LEU A 27 3.39 -6.62 21.17
C LEU A 27 4.18 -7.93 21.13
N ARG A 28 4.48 -8.41 19.92
CA ARG A 28 5.27 -9.63 19.76
C ARG A 28 6.66 -9.51 20.38
N ALA A 29 7.20 -8.29 20.39
CA ALA A 29 8.54 -8.08 20.97
C ALA A 29 8.48 -8.02 22.51
N GLY A 30 7.27 -7.87 23.06
CA GLY A 30 7.13 -7.86 24.51
C GLY A 30 6.98 -6.45 25.10
N TYR A 31 6.62 -5.47 24.27
CA TYR A 31 6.23 -4.17 24.81
C TYR A 31 4.90 -4.38 25.56
N THR A 32 4.69 -3.60 26.61
CA THR A 32 3.46 -3.69 27.40
C THR A 32 2.30 -3.03 26.67
N PRO A 33 1.20 -3.78 26.44
CA PRO A 33 0.07 -3.26 25.66
C PRO A 33 -0.41 -1.89 26.13
N SER A 34 -0.59 -1.69 27.44
CA SER A 34 -1.04 -0.38 27.93
C SER A 34 -0.02 0.74 27.70
N ASN A 35 1.22 0.36 27.35
CA ASN A 35 2.25 1.36 27.01
C ASN A 35 2.23 1.75 25.53
N ILE A 36 1.33 1.15 24.75
CA ILE A 36 1.25 1.47 23.33
C ILE A 36 -0.04 2.21 23.03
N THR A 37 0.08 3.39 22.41
CA THR A 37 -1.10 4.16 22.05
C THR A 37 -1.21 4.32 20.54
N VAL A 38 -2.28 3.77 19.96
CA VAL A 38 -2.58 3.98 18.54
C VAL A 38 -3.48 5.20 18.37
N LEU A 39 -2.97 6.17 17.62
CA LEU A 39 -3.72 7.39 17.28
C LEU A 39 -4.01 7.38 15.80
N ASP A 40 -5.28 7.19 15.45
CA ASP A 40 -5.70 7.21 14.04
C ASP A 40 -7.03 7.92 13.99
N THR A 41 -7.22 8.76 12.99
CA THR A 41 -8.50 9.41 12.77
C THR A 41 -9.67 8.44 12.80
N TYR A 42 -9.48 7.27 12.20
CA TYR A 42 -10.49 6.22 12.18
C TYR A 42 -10.11 5.00 13.01
N PRO A 43 -11.09 4.35 13.65
CA PRO A 43 -10.81 3.10 14.37
C PRO A 43 -10.25 2.02 13.43
N ILE A 44 -9.35 1.18 13.93
CA ILE A 44 -8.77 0.11 13.12
C ILE A 44 -9.85 -0.94 12.74
N PRO A 45 -9.89 -1.36 11.45
CA PRO A 45 -9.10 -0.93 10.31
C PRO A 45 -9.61 0.42 9.81
N SER A 46 -8.72 1.39 9.66
CA SER A 46 -9.12 2.75 9.32
C SER A 46 -9.88 2.78 8.01
N ALA A 47 -11.06 3.38 8.03
CA ALA A 47 -11.91 3.47 6.85
C ALA A 47 -11.26 4.26 5.72
N GLN A 48 -10.24 5.05 6.00
CA GLN A 48 -9.61 5.78 4.90
C GLN A 48 -8.20 5.23 4.60
N SER A 49 -7.80 4.16 5.27
CA SER A 49 -6.51 3.52 5.00
C SER A 49 -6.51 2.96 3.59
N ALA A 50 -5.37 3.05 2.93
CA ALA A 50 -5.21 2.43 1.63
C ALA A 50 -5.40 0.92 1.74
N GLY A 51 -5.19 0.38 2.94
CA GLY A 51 -5.38 -1.04 3.15
C GLY A 51 -6.83 -1.45 3.38
N TYR A 52 -7.72 -0.47 3.47
CA TYR A 52 -9.15 -0.75 3.70
C TYR A 52 -9.80 -1.06 2.36
N ASP A 53 -9.64 -2.31 1.92
CA ASP A 53 -9.92 -2.70 0.55
C ASP A 53 -10.31 -4.18 0.60
N LEU A 54 -11.24 -4.59 -0.26
CA LEU A 54 -11.57 -6.02 -0.40
C LEU A 54 -10.32 -6.87 -0.57
N ASN A 55 -9.39 -6.40 -1.38
CA ASN A 55 -8.24 -7.23 -1.72
C ASN A 55 -7.04 -6.40 -2.20
N LYS A 56 -5.87 -7.02 -2.22
CA LYS A 56 -4.66 -6.45 -2.81
C LYS A 56 -3.90 -7.60 -3.46
N ILE A 57 -3.00 -7.29 -4.37
CA ILE A 57 -2.14 -8.32 -4.96
C ILE A 57 -0.91 -8.59 -4.09
N PHE A 58 -0.54 -9.86 -3.96
CA PHE A 58 0.76 -10.21 -3.42
C PHE A 58 1.63 -10.75 -4.54
N GLY A 59 2.70 -10.04 -4.85
CA GLY A 59 3.53 -10.45 -5.95
C GLY A 59 4.97 -10.02 -5.72
N ILE A 60 5.87 -10.61 -6.48
CA ILE A 60 7.28 -10.35 -6.32
C ILE A 60 7.69 -9.12 -7.12
N GLY A 61 8.48 -8.26 -6.49
CA GLY A 61 9.13 -7.16 -7.17
C GLY A 61 10.62 -7.13 -6.82
N LEU A 62 11.45 -6.74 -7.77
CA LEU A 62 12.89 -6.68 -7.50
C LEU A 62 13.46 -5.32 -7.84
N ARG A 63 12.66 -4.27 -7.64
CA ARG A 63 13.02 -2.93 -8.06
C ARG A 63 14.19 -2.34 -7.26
N ASN A 64 14.12 -2.41 -5.94
CA ASN A 64 15.18 -1.85 -5.11
C ASN A 64 15.88 -2.95 -4.29
N LYS A 65 17.05 -2.62 -3.75
CA LYS A 65 17.88 -3.58 -3.03
C LYS A 65 17.15 -4.39 -1.95
N PRO A 66 16.32 -3.73 -1.12
CA PRO A 66 15.74 -4.59 -0.08
C PRO A 66 14.55 -5.44 -0.52
N ASP A 67 14.10 -5.28 -1.76
CA ASP A 67 12.80 -5.83 -2.16
C ASP A 67 12.75 -7.35 -2.11
N LEU A 68 13.83 -8.02 -2.51
CA LEU A 68 13.83 -9.48 -2.52
C LEU A 68 13.64 -10.04 -1.12
N GLN A 69 14.43 -9.54 -0.17
CA GLN A 69 14.37 -10.03 1.19
C GLN A 69 13.02 -9.72 1.83
N LEU A 70 12.50 -8.52 1.57
CA LEU A 70 11.21 -8.12 2.12
C LEU A 70 10.08 -8.99 1.60
N TYR A 71 10.16 -9.31 0.31
CA TYR A 71 9.15 -10.15 -0.32
C TYR A 71 9.16 -11.58 0.23
N LEU A 72 10.35 -12.18 0.31
CA LEU A 72 10.48 -13.54 0.85
C LEU A 72 10.04 -13.59 2.29
N GLU A 73 10.37 -12.55 3.03
CA GLU A 73 9.99 -12.46 4.44
C GLU A 73 8.46 -12.40 4.56
N ALA A 74 7.85 -11.59 3.71
CA ALA A 74 6.41 -11.46 3.74
C ALA A 74 5.73 -12.76 3.33
N LEU A 75 6.27 -13.39 2.29
CA LEU A 75 5.71 -14.64 1.78
C LEU A 75 5.67 -15.74 2.85
N ASP A 76 6.77 -15.88 3.58
CA ASP A 76 6.87 -16.85 4.63
C ASP A 76 5.77 -16.63 5.64
N MET A 77 5.52 -15.38 5.96
CA MET A 77 4.50 -15.08 6.96
C MET A 77 3.08 -15.21 6.42
N TRP A 78 2.84 -14.76 5.19
CA TRP A 78 1.50 -14.94 4.60
C TRP A 78 1.14 -16.42 4.49
N LYS A 79 2.13 -17.28 4.29
CA LYS A 79 1.86 -18.72 4.18
C LYS A 79 1.75 -19.40 5.54
N ASN A 80 2.47 -18.88 6.54
CA ASN A 80 2.73 -19.67 7.74
C ASN A 80 2.37 -19.03 9.07
N ASP A 81 2.20 -17.72 9.09
CA ASP A 81 1.79 -17.03 10.30
C ASP A 81 0.28 -17.27 10.48
N PRO A 82 -0.11 -17.85 11.63
CA PRO A 82 -1.51 -18.13 11.91
C PRO A 82 -2.42 -16.90 11.88
N LEU A 83 -1.90 -15.72 12.24
CA LEU A 83 -2.73 -14.51 12.14
C LEU A 83 -3.05 -14.17 10.69
N PHE A 84 -2.05 -14.29 9.82
CA PHE A 84 -2.17 -13.78 8.45
C PHE A 84 -2.56 -14.82 7.42
N LYS A 85 -2.22 -16.09 7.68
CA LYS A 85 -2.41 -17.09 6.62
C LYS A 85 -3.87 -17.27 6.13
N PRO A 86 -4.90 -17.03 6.97
CA PRO A 86 -6.23 -17.18 6.33
C PRO A 86 -6.54 -16.18 5.22
N PHE A 87 -5.75 -15.13 5.10
CA PHE A 87 -6.11 -14.04 4.20
C PHE A 87 -5.32 -14.02 2.90
N PHE A 88 -4.41 -14.99 2.74
CA PHE A 88 -3.60 -15.13 1.52
C PHE A 88 -4.17 -16.22 0.62
N HIS A 89 -4.48 -15.84 -0.61
CA HIS A 89 -5.03 -16.76 -1.59
C HIS A 89 -3.98 -16.96 -2.68
N ASN A 90 -3.28 -18.09 -2.62
CA ASN A 90 -2.11 -18.32 -3.46
C ASN A 90 -2.58 -18.85 -4.82
N VAL A 91 -3.20 -17.98 -5.62
CA VAL A 91 -3.73 -18.38 -6.92
C VAL A 91 -2.74 -18.04 -8.02
N GLY A 92 -1.64 -17.41 -7.64
CA GLY A 92 -0.64 -16.95 -8.58
C GLY A 92 -1.01 -15.65 -9.28
N GLN A 93 -0.13 -15.20 -10.17
CA GLN A 93 -0.40 -13.99 -10.94
C GLN A 93 0.14 -14.19 -12.32
N MET A 94 -0.57 -13.67 -13.32
CA MET A 94 -0.07 -13.70 -14.70
C MET A 94 -0.05 -12.29 -15.24
N ASP A 95 1.15 -11.80 -15.54
CA ASP A 95 1.32 -10.54 -16.25
C ASP A 95 1.24 -10.86 -17.72
N VAL A 96 0.55 -10.02 -18.49
CA VAL A 96 0.40 -10.29 -19.92
C VAL A 96 0.67 -9.03 -20.73
N SER A 97 0.99 -9.24 -22.01
CA SER A 97 1.10 -8.13 -22.95
C SER A 97 1.00 -8.65 -24.36
N SER A 98 0.46 -7.82 -25.26
CA SER A 98 0.51 -8.13 -26.68
C SER A 98 1.30 -7.10 -27.47
N THR A 99 1.98 -6.18 -26.81
CA THR A 99 2.74 -5.20 -27.57
C THR A 99 4.23 -5.57 -27.60
N GLU A 100 4.93 -5.08 -28.61
CA GLU A 100 6.36 -5.33 -28.71
C GLU A 100 7.11 -4.85 -27.46
N GLU A 101 6.87 -3.62 -27.02
CA GLU A 101 7.51 -3.08 -25.81
C GLU A 101 7.07 -3.80 -24.53
N GLY A 102 5.80 -4.17 -24.46
CA GLY A 102 5.28 -4.82 -23.27
C GLY A 102 5.81 -6.23 -23.13
N ILE A 103 5.96 -6.92 -24.25
CA ILE A 103 6.47 -8.29 -24.25
C ILE A 103 7.95 -8.27 -23.88
N LYS A 104 8.67 -7.28 -24.40
CA LYS A 104 10.06 -7.07 -24.02
C LYS A 104 10.22 -6.86 -22.52
N LYS A 105 9.34 -6.03 -21.92
CA LYS A 105 9.38 -5.82 -20.47
C LYS A 105 9.13 -7.12 -19.70
N LEU A 106 8.14 -7.88 -20.15
CA LEU A 106 7.80 -9.19 -19.57
C LEU A 106 9.04 -10.07 -19.53
N ARG A 107 9.69 -10.19 -20.68
CA ARG A 107 10.86 -11.04 -20.81
C ARG A 107 12.00 -10.53 -19.94
N MET A 108 12.20 -9.21 -19.89
CA MET A 108 13.29 -8.69 -19.07
C MET A 108 12.99 -8.88 -17.58
N ARG A 109 11.72 -8.76 -17.21
CA ARG A 109 11.29 -9.02 -15.83
C ARG A 109 11.61 -10.45 -15.43
N TYR A 110 11.30 -11.39 -16.32
CA TYR A 110 11.62 -12.78 -16.07
C TYR A 110 13.12 -12.99 -15.90
N GLN A 111 13.90 -12.43 -16.82
CA GLN A 111 15.35 -12.57 -16.76
C GLN A 111 15.90 -12.00 -15.45
N SER A 112 15.31 -10.90 -14.97
CA SER A 112 15.78 -10.29 -13.73
C SER A 112 15.52 -11.21 -12.52
N LEU A 113 14.41 -11.94 -12.54
CA LEU A 113 14.14 -12.91 -11.48
C LEU A 113 15.21 -13.98 -11.50
N LEU A 114 15.54 -14.47 -12.69
CA LEU A 114 16.54 -15.51 -12.84
C LEU A 114 17.90 -15.03 -12.33
N ASP A 115 18.21 -13.76 -12.61
CA ASP A 115 19.53 -13.20 -12.29
C ASP A 115 19.76 -13.03 -10.79
N ALA A 116 18.70 -13.15 -9.99
CA ALA A 116 18.85 -13.14 -8.54
C ALA A 116 19.64 -14.36 -8.10
N GLY A 117 19.58 -15.41 -8.90
CA GLY A 117 20.43 -16.58 -8.72
C GLY A 117 20.00 -17.45 -7.54
N ILE A 118 18.77 -17.32 -7.08
CA ILE A 118 18.32 -18.13 -5.95
C ILE A 118 17.32 -19.22 -6.31
N GLY A 119 17.07 -19.40 -7.61
CA GLY A 119 16.16 -20.44 -8.06
C GLY A 119 14.73 -20.00 -8.35
N LEU A 120 14.52 -18.72 -8.64
CA LEU A 120 13.16 -18.22 -8.88
C LEU A 120 12.52 -18.79 -10.15
N GLU A 121 13.35 -19.35 -11.03
CA GLU A 121 12.82 -19.98 -12.25
C GLU A 121 11.97 -21.22 -11.94
N LYS A 122 12.07 -21.74 -10.72
CA LYS A 122 11.29 -22.90 -10.34
C LYS A 122 9.80 -22.57 -10.17
N THR A 123 9.47 -21.31 -9.90
CA THR A 123 8.09 -20.95 -9.61
C THR A 123 7.62 -19.76 -10.43
N ASN A 124 8.47 -19.33 -11.37
CA ASN A 124 8.13 -18.25 -12.30
C ASN A 124 8.43 -18.68 -13.73
N PHE A 125 7.49 -18.46 -14.64
CA PHE A 125 7.57 -19.04 -15.99
C PHE A 125 7.13 -18.04 -17.05
N LEU A 126 7.90 -17.94 -18.13
CA LEU A 126 7.45 -17.24 -19.33
C LEU A 126 6.48 -18.11 -20.12
N LEU A 127 5.31 -17.59 -20.45
CA LEU A 127 4.34 -18.31 -21.27
C LEU A 127 4.34 -17.72 -22.68
N GLU A 128 4.91 -18.46 -23.62
CA GLU A 128 5.13 -17.99 -24.98
C GLU A 128 4.03 -18.40 -25.97
N SER A 129 3.08 -19.21 -25.54
CA SER A 129 1.98 -19.62 -26.43
C SER A 129 0.60 -19.42 -25.81
N GLU A 130 -0.41 -19.32 -26.67
CA GLU A 130 -1.82 -19.26 -26.27
C GLU A 130 -2.24 -20.40 -25.36
N ASP A 131 -1.86 -21.62 -25.75
CA ASP A 131 -2.19 -22.82 -24.98
C ASP A 131 -1.72 -22.72 -23.53
N GLU A 132 -0.50 -22.21 -23.33
CA GLU A 132 0.06 -22.08 -21.99
C GLU A 132 -0.72 -21.05 -21.16
N ILE A 133 -1.15 -19.98 -21.81
CA ILE A 133 -1.91 -18.93 -21.12
C ILE A 133 -3.29 -19.44 -20.71
N LEU A 134 -3.95 -20.15 -21.62
CA LEU A 134 -5.29 -20.68 -21.37
C LEU A 134 -5.28 -21.75 -20.29
N ALA A 135 -4.17 -22.49 -20.21
CA ALA A 135 -4.00 -23.49 -19.17
C ALA A 135 -4.08 -22.87 -17.78
N LYS A 136 -3.50 -21.68 -17.64
CA LYS A 136 -3.45 -21.02 -16.35
C LYS A 136 -4.70 -20.17 -16.09
N ALA A 137 -5.30 -19.68 -17.17
CA ALA A 137 -6.45 -18.79 -17.08
C ALA A 137 -7.53 -19.19 -18.08
N PRO A 138 -8.25 -20.30 -17.79
CA PRO A 138 -9.24 -20.90 -18.68
C PRO A 138 -10.47 -20.03 -18.96
N HIS A 139 -10.64 -18.93 -18.25
CA HIS A 139 -11.79 -18.06 -18.53
C HIS A 139 -11.60 -17.25 -19.83
N PHE A 140 -10.36 -17.05 -20.25
CA PHE A 140 -10.08 -16.38 -21.53
C PHE A 140 -10.59 -17.17 -22.73
N THR A 141 -10.87 -16.48 -23.83
CA THR A 141 -11.11 -17.17 -25.09
C THR A 141 -9.85 -17.12 -25.93
N ARG A 142 -9.74 -18.03 -26.89
CA ARG A 142 -8.58 -18.06 -27.75
C ARG A 142 -8.45 -16.80 -28.55
N GLU A 143 -9.53 -16.37 -29.16
CA GLU A 143 -9.54 -15.14 -29.97
C GLU A 143 -9.08 -13.95 -29.12
N GLN A 144 -9.50 -13.92 -27.88
CA GLN A 144 -9.21 -12.80 -26.99
C GLN A 144 -7.72 -12.58 -26.77
N ILE A 145 -6.98 -13.68 -26.69
CA ILE A 145 -5.56 -13.58 -26.32
C ILE A 145 -4.62 -13.79 -27.49
N LYS A 146 -5.11 -13.65 -28.71
CA LYS A 146 -4.22 -13.75 -29.88
C LYS A 146 -3.09 -12.74 -29.76
N GLY A 147 -1.85 -13.21 -29.90
CA GLY A 147 -0.68 -12.37 -29.80
C GLY A 147 -0.20 -12.03 -28.39
N TRP A 148 -0.92 -12.49 -27.37
CA TRP A 148 -0.48 -12.24 -25.99
C TRP A 148 0.67 -13.14 -25.61
N LYS A 149 1.56 -12.62 -24.76
CA LYS A 149 2.55 -13.43 -24.08
C LYS A 149 2.32 -13.25 -22.59
N GLY A 150 2.79 -14.19 -21.77
CA GLY A 150 2.59 -14.09 -20.34
C GLY A 150 3.81 -14.40 -19.49
N LEU A 151 3.80 -13.85 -18.28
CA LEU A 151 4.75 -14.21 -17.24
C LEU A 151 3.93 -14.67 -16.04
N PHE A 152 4.08 -15.95 -15.68
CA PHE A 152 3.31 -16.51 -14.58
C PHE A 152 4.16 -16.66 -13.32
N CSO A 153 3.72 -16.01 -12.25
CA CSO A 153 4.43 -16.04 -10.98
CB CSO A 153 4.69 -14.59 -10.49
SG CSO A 153 5.52 -13.58 -11.78
C CSO A 153 3.59 -16.87 -9.99
O CSO A 153 2.52 -16.44 -9.57
OD CSO A 153 4.36 -12.37 -12.51
N GLY A 154 4.06 -18.08 -9.70
CA GLY A 154 3.23 -19.05 -9.00
C GLY A 154 3.15 -18.83 -7.49
N ASP A 155 4.02 -17.97 -6.95
CA ASP A 155 4.13 -17.79 -5.50
C ASP A 155 3.15 -16.76 -4.96
N GLY A 156 2.63 -15.91 -5.86
CA GLY A 156 1.77 -14.84 -5.44
C GLY A 156 0.29 -15.19 -5.44
N GLY A 157 -0.54 -14.17 -5.55
CA GLY A 157 -1.98 -14.31 -5.52
C GLY A 157 -2.59 -13.04 -4.98
N TRP A 158 -3.62 -13.16 -4.14
CA TRP A 158 -4.22 -11.96 -3.59
C TRP A 158 -4.42 -12.08 -2.08
N LEU A 159 -4.68 -10.94 -1.47
CA LEU A 159 -4.71 -10.78 -0.02
C LEU A 159 -6.03 -10.16 0.38
N ALA A 160 -6.71 -10.72 1.37
CA ALA A 160 -7.93 -10.09 1.87
C ALA A 160 -7.55 -8.93 2.80
N ALA A 161 -7.42 -7.74 2.25
CA ALA A 161 -6.67 -6.67 2.90
C ALA A 161 -7.30 -6.12 4.18
N ALA A 162 -8.53 -5.63 4.06
CA ALA A 162 -9.23 -5.10 5.22
C ALA A 162 -9.38 -6.14 6.31
N LYS A 163 -9.65 -7.39 5.92
CA LYS A 163 -9.80 -8.48 6.88
C LYS A 163 -8.49 -8.69 7.65
N ALA A 164 -7.37 -8.57 6.96
CA ALA A 164 -6.07 -8.80 7.59
C ALA A 164 -5.76 -7.68 8.59
N ILE A 165 -6.03 -6.43 8.23
CA ILE A 165 -5.79 -5.35 9.17
C ILE A 165 -6.75 -5.48 10.36
N ASN A 166 -8.01 -5.83 10.09
CA ASN A 166 -8.97 -6.08 11.17
C ASN A 166 -8.49 -7.16 12.14
N ALA A 167 -7.84 -8.19 11.62
CA ALA A 167 -7.37 -9.28 12.47
C ALA A 167 -6.31 -8.76 13.41
N ILE A 168 -5.42 -7.90 12.90
CA ILE A 168 -4.45 -7.25 13.77
C ILE A 168 -5.19 -6.42 14.83
N GLY A 169 -6.15 -5.62 14.37
CA GLY A 169 -6.94 -4.78 15.28
C GLY A 169 -7.65 -5.53 16.40
N GLN A 170 -8.28 -6.66 16.07
CA GLN A 170 -8.93 -7.49 17.10
C GLN A 170 -7.91 -7.88 18.17
N PHE A 171 -6.70 -8.22 17.73
CA PHE A 171 -5.65 -8.64 18.66
C PHE A 171 -5.18 -7.46 19.51
N LEU A 172 -4.96 -6.29 18.90
CA LEU A 172 -4.52 -5.12 19.66
C LEU A 172 -5.52 -4.81 20.77
N LYS A 173 -6.80 -4.84 20.42
CA LYS A 173 -7.85 -4.49 21.37
C LYS A 173 -7.98 -5.55 22.47
N GLU A 174 -7.89 -6.81 22.08
CA GLU A 174 -7.92 -7.91 23.05
C GLU A 174 -6.79 -7.78 24.08
N GLN A 175 -5.65 -7.29 23.61
CA GLN A 175 -4.47 -7.17 24.47
C GLN A 175 -4.46 -5.91 25.35
N GLY A 176 -5.31 -4.94 25.04
CA GLY A 176 -5.42 -3.73 25.85
C GLY A 176 -4.57 -2.56 25.38
N VAL A 177 -4.26 -2.53 24.08
CA VAL A 177 -3.58 -1.39 23.47
C VAL A 177 -4.52 -0.20 23.60
N LYS A 178 -3.97 0.98 23.81
CA LYS A 178 -4.82 2.16 23.99
C LYS A 178 -5.08 2.81 22.64
N PHE A 179 -6.22 3.48 22.50
CA PHE A 179 -6.61 4.09 21.22
C PHE A 179 -7.15 5.52 21.40
N GLY A 180 -6.93 6.35 20.39
CA GLY A 180 -7.65 7.60 20.24
C GLY A 180 -8.12 7.67 18.79
N PHE A 181 -9.37 8.04 18.55
CA PHE A 181 -9.85 8.24 17.18
C PHE A 181 -10.54 9.60 17.06
N GLY A 182 -10.94 9.95 15.85
CA GLY A 182 -11.54 11.26 15.61
C GLY A 182 -10.53 12.35 15.92
N GLU A 183 -11.01 13.49 16.41
CA GLU A 183 -10.10 14.59 16.69
C GLU A 183 -9.04 14.21 17.74
N ALA A 184 -9.41 13.36 18.69
CA ALA A 184 -8.48 12.89 19.72
C ALA A 184 -7.48 11.84 19.22
N GLY A 185 -7.63 11.43 17.96
CA GLY A 185 -6.72 10.48 17.35
C GLY A 185 -6.01 11.08 16.14
N THR A 186 -6.28 12.36 15.88
CA THR A 186 -5.76 13.01 14.69
C THR A 186 -4.55 13.85 15.05
N PHE A 187 -3.37 13.38 14.64
CA PHE A 187 -2.10 14.03 14.94
C PHE A 187 -2.13 15.48 14.46
N LYS A 188 -1.63 16.39 15.30
CA LYS A 188 -1.49 17.79 14.92
C LYS A 188 -0.01 18.21 14.87
N LYS A 189 0.74 17.85 15.92
CA LYS A 189 2.14 18.25 16.04
C LYS A 189 2.85 17.38 17.08
N PRO A 190 4.19 17.25 16.95
CA PRO A 190 4.97 16.56 17.97
C PRO A 190 5.10 17.46 19.19
N LEU A 191 5.39 16.88 20.35
CA LEU A 191 5.72 17.65 21.55
C LEU A 191 7.20 17.48 21.85
N PHE A 192 7.84 18.53 22.34
CA PHE A 192 9.28 18.53 22.56
C PHE A 192 9.63 18.94 23.98
N ALA A 193 10.76 18.43 24.49
CA ALA A 193 11.23 18.80 25.81
C ALA A 193 11.70 20.25 25.84
N ASP A 194 12.36 20.69 24.77
CA ASP A 194 12.88 22.05 24.77
C ASP A 194 12.60 22.76 23.46
N ALA A 195 12.81 24.08 23.46
CA ALA A 195 12.49 24.91 22.31
C ALA A 195 13.33 24.59 21.08
N ASP A 196 14.47 23.92 21.27
CA ASP A 196 15.33 23.57 20.14
C ASP A 196 14.75 22.42 19.32
N GLU A 197 13.67 21.83 19.84
CA GLU A 197 12.99 20.72 19.17
C GLU A 197 13.93 19.57 18.82
N LYS A 198 14.88 19.27 19.69
CA LYS A 198 15.77 18.15 19.41
C LYS A 198 15.38 16.88 20.18
N THR A 199 14.39 16.98 21.06
CA THR A 199 13.92 15.80 21.78
C THR A 199 12.41 15.76 21.76
N CYS A 200 11.85 14.82 21.01
CA CYS A 200 10.41 14.57 21.00
C CYS A 200 9.99 13.79 22.25
N ILE A 201 8.89 14.23 22.87
CA ILE A 201 8.40 13.58 24.07
C ILE A 201 6.93 13.15 23.91
N GLY A 202 6.37 13.32 22.72
CA GLY A 202 4.99 12.92 22.51
C GLY A 202 4.33 13.63 21.35
N VAL A 203 3.00 13.64 21.32
CA VAL A 203 2.24 14.32 20.27
C VAL A 203 1.01 15.01 20.84
N GLU A 204 0.55 16.04 20.13
CA GLU A 204 -0.71 16.69 20.42
C GLU A 204 -1.67 16.46 19.24
N THR A 205 -2.92 16.14 19.57
CA THR A 205 -3.91 15.90 18.52
C THR A 205 -4.73 17.18 18.31
N VAL A 206 -5.59 17.20 17.29
CA VAL A 206 -6.17 18.46 16.86
C VAL A 206 -7.17 18.98 17.87
N ASP A 207 -7.71 18.11 18.72
CA ASP A 207 -8.61 18.56 19.80
C ASP A 207 -7.85 19.20 20.97
N GLY A 208 -6.52 19.13 20.94
CA GLY A 208 -5.70 19.65 22.02
C GLY A 208 -5.17 18.60 22.99
N THR A 209 -5.60 17.36 22.82
CA THR A 209 -5.17 16.29 23.73
C THR A 209 -3.68 16.02 23.57
N LYS A 210 -2.98 15.90 24.69
CA LYS A 210 -1.55 15.65 24.65
C LYS A 210 -1.24 14.23 25.12
N TYR A 211 -0.37 13.55 24.37
CA TYR A 211 0.06 12.20 24.70
C TYR A 211 1.58 12.18 24.83
N TYR A 212 2.09 11.64 25.94
CA TYR A 212 3.53 11.58 26.18
C TYR A 212 4.03 10.15 26.04
N ALA A 213 5.18 10.00 25.38
CA ALA A 213 5.78 8.69 25.17
C ALA A 213 7.27 8.82 24.94
N ASP A 214 7.96 7.69 24.98
CA ASP A 214 9.39 7.67 24.75
C ASP A 214 9.71 7.83 23.27
N LYS A 215 8.87 7.21 22.44
CA LYS A 215 9.06 7.21 20.99
C LYS A 215 7.74 7.37 20.25
N VAL A 216 7.78 8.06 19.12
CA VAL A 216 6.59 8.28 18.30
C VAL A 216 6.89 7.76 16.92
N VAL A 217 5.95 7.00 16.36
CA VAL A 217 6.05 6.50 14.99
C VAL A 217 5.01 7.21 14.12
N LEU A 218 5.46 7.85 13.05
CA LEU A 218 4.53 8.47 12.11
C LEU A 218 4.29 7.52 10.94
N ALA A 219 3.23 6.75 11.03
CA ALA A 219 2.85 5.86 9.94
C ALA A 219 1.53 6.33 9.35
N ALA A 220 1.51 7.56 8.84
CA ALA A 220 0.23 8.13 8.38
C ALA A 220 0.04 8.05 6.87
N GLY A 221 0.77 7.16 6.21
CA GLY A 221 0.55 6.86 4.79
C GLY A 221 0.57 8.15 3.96
N ALA A 222 -0.44 8.32 3.12
CA ALA A 222 -0.53 9.48 2.24
C ALA A 222 -0.72 10.82 2.98
N TRP A 223 -0.97 10.77 4.29
CA TRP A 223 -1.14 11.99 5.07
C TRP A 223 0.17 12.45 5.72
N SER A 224 1.16 11.57 5.75
CA SER A 224 2.41 11.84 6.46
C SER A 224 3.02 13.16 6.02
N SER A 225 3.07 13.35 4.70
CA SER A 225 3.69 14.53 4.12
C SER A 225 2.94 15.82 4.43
N THR A 226 1.66 15.70 4.76
CA THR A 226 0.85 16.86 5.15
C THR A 226 1.00 17.19 6.63
N LEU A 227 1.44 16.22 7.43
CA LEU A 227 1.48 16.39 8.89
C LEU A 227 2.80 16.96 9.39
N VAL A 228 3.89 16.46 8.81
CA VAL A 228 5.23 16.98 9.09
C VAL A 228 5.95 17.27 7.79
N ASP A 229 6.90 18.20 7.82
CA ASP A 229 7.62 18.60 6.62
C ASP A 229 8.58 17.50 6.17
N LEU A 230 8.28 16.82 5.07
CA LEU A 230 9.18 15.78 4.56
C LEU A 230 10.05 16.28 3.40
N GLU A 231 10.03 17.59 3.20
CA GLU A 231 10.88 18.27 2.22
C GLU A 231 10.79 17.64 0.84
N GLU A 232 9.54 17.40 0.41
CA GLU A 232 9.21 16.90 -0.93
C GLU A 232 9.74 15.49 -1.21
N GLN A 233 10.14 14.78 -0.16
CA GLN A 233 10.53 13.38 -0.27
C GLN A 233 9.37 12.49 -0.68
N CYS A 234 8.18 12.84 -0.21
CA CYS A 234 6.97 12.04 -0.43
C CYS A 234 5.89 12.88 -1.09
N VAL A 235 5.36 12.39 -2.21
CA VAL A 235 4.25 13.05 -2.88
C VAL A 235 3.08 12.10 -2.95
N SER A 236 1.97 12.51 -2.34
CA SER A 236 0.81 11.63 -2.22
C SER A 236 -0.02 11.65 -3.50
N LYS A 237 -0.49 10.48 -3.90
CA LYS A 237 -1.23 10.32 -5.14
C LYS A 237 -2.38 9.33 -4.95
N ALA A 238 -3.45 9.51 -5.71
CA ALA A 238 -4.57 8.57 -5.70
C ALA A 238 -4.52 7.61 -6.87
N TRP A 239 -4.84 6.36 -6.58
CA TRP A 239 -5.17 5.39 -7.61
C TRP A 239 -6.65 5.06 -7.45
N VAL A 240 -7.19 4.28 -8.39
CA VAL A 240 -8.64 4.14 -8.47
C VAL A 240 -9.04 2.70 -8.65
N PHE A 241 -10.24 2.35 -8.19
CA PHE A 241 -10.79 1.04 -8.48
C PHE A 241 -12.29 1.16 -8.63
N ALA A 242 -12.88 0.18 -9.30
CA ALA A 242 -14.32 0.01 -9.31
C ALA A 242 -14.63 -1.45 -9.08
N HIS A 243 -15.89 -1.74 -8.82
CA HIS A 243 -16.33 -3.11 -8.61
C HIS A 243 -17.42 -3.48 -9.59
N ILE A 244 -17.45 -4.74 -9.97
CA ILE A 244 -18.61 -5.29 -10.66
C ILE A 244 -19.08 -6.53 -9.92
N GLN A 245 -20.38 -6.80 -10.02
CA GLN A 245 -21.02 -7.87 -9.28
C GLN A 245 -21.36 -9.05 -10.19
N LEU A 246 -20.82 -10.23 -9.91
CA LEU A 246 -21.16 -11.42 -10.68
C LEU A 246 -22.15 -12.31 -9.93
N THR A 247 -23.02 -12.98 -10.68
CA THR A 247 -23.83 -14.06 -10.13
C THR A 247 -22.92 -15.26 -9.82
N PRO A 248 -23.39 -16.20 -8.99
CA PRO A 248 -22.54 -17.37 -8.73
C PRO A 248 -22.18 -18.12 -10.01
N ALA A 249 -23.12 -18.22 -10.94
CA ALA A 249 -22.86 -18.89 -12.21
C ALA A 249 -21.82 -18.15 -13.05
N GLU A 250 -21.90 -16.82 -13.08
CA GLU A 250 -20.88 -16.03 -13.76
C GLU A 250 -19.51 -16.18 -13.10
N ALA A 251 -19.51 -16.23 -11.78
CA ALA A 251 -18.27 -16.22 -11.02
C ALA A 251 -17.56 -17.56 -11.11
N ALA A 252 -18.30 -18.60 -11.46
CA ALA A 252 -17.78 -19.97 -11.37
C ALA A 252 -16.53 -20.17 -12.23
N ALA A 253 -16.51 -19.61 -13.44
CA ALA A 253 -15.36 -19.80 -14.33
C ALA A 253 -14.09 -19.12 -13.82
N TYR A 254 -14.24 -18.25 -12.83
CA TYR A 254 -13.12 -17.44 -12.33
C TYR A 254 -12.57 -17.95 -11.00
N LYS A 255 -13.18 -19.00 -10.47
CA LYS A 255 -12.79 -19.52 -9.17
C LYS A 255 -11.31 -19.91 -9.17
N ASN A 256 -10.59 -19.38 -8.20
CA ASN A 256 -9.16 -19.64 -8.02
C ASN A 256 -8.29 -19.26 -9.20
N THR A 257 -8.73 -18.32 -10.04
CA THR A 257 -7.90 -17.98 -11.20
C THR A 257 -6.83 -16.95 -10.82
N PRO A 258 -5.70 -16.98 -11.53
CA PRO A 258 -4.60 -16.08 -11.11
C PRO A 258 -4.99 -14.63 -11.29
N VAL A 259 -4.38 -13.75 -10.51
CA VAL A 259 -4.47 -12.31 -10.76
C VAL A 259 -4.00 -12.02 -12.18
N ILE A 260 -4.76 -11.22 -12.91
CA ILE A 260 -4.34 -10.91 -14.28
C ILE A 260 -3.93 -9.45 -14.37
N TYR A 261 -2.74 -9.19 -14.89
CA TYR A 261 -2.20 -7.83 -14.97
C TYR A 261 -1.61 -7.53 -16.34
N ASP A 262 -1.86 -6.33 -16.86
CA ASP A 262 -1.21 -5.83 -18.07
C ASP A 262 -0.86 -4.38 -17.81
N GLY A 263 0.43 -4.05 -17.87
CA GLY A 263 0.89 -2.70 -17.55
C GLY A 263 0.24 -1.60 -18.36
N ASP A 264 -0.25 -1.93 -19.54
CA ASP A 264 -0.97 -0.99 -20.40
C ASP A 264 -2.46 -0.84 -20.05
N TYR A 265 -2.98 -1.68 -19.15
CA TYR A 265 -4.41 -1.66 -18.83
C TYR A 265 -4.76 -1.58 -17.36
N GLY A 266 -4.09 -2.38 -16.53
CA GLY A 266 -4.45 -2.51 -15.13
C GLY A 266 -4.63 -3.98 -14.78
N PHE A 267 -5.54 -4.29 -13.88
CA PHE A 267 -5.68 -5.67 -13.43
C PHE A 267 -7.05 -5.95 -12.84
N PHE A 268 -7.36 -7.22 -12.65
CA PHE A 268 -8.53 -7.59 -11.87
C PHE A 268 -8.18 -8.77 -10.99
N ILE A 269 -8.97 -8.96 -9.94
CA ILE A 269 -8.78 -10.04 -9.01
C ILE A 269 -10.04 -10.91 -9.01
N GLU A 270 -9.88 -12.21 -8.82
CA GLU A 270 -11.02 -13.14 -8.83
C GLU A 270 -12.15 -12.68 -7.90
N PRO A 271 -13.40 -13.03 -8.25
CA PRO A 271 -14.54 -12.60 -7.43
C PRO A 271 -14.41 -13.11 -5.99
N ASP A 272 -14.78 -12.26 -5.04
CA ASP A 272 -14.68 -12.61 -3.63
C ASP A 272 -15.88 -13.49 -3.28
N GLU A 273 -16.09 -13.74 -1.99
CA GLU A 273 -17.12 -14.70 -1.57
C GLU A 273 -18.53 -14.22 -1.92
N ASN A 274 -18.66 -12.92 -2.20
CA ASN A 274 -19.97 -12.34 -2.54
C ASN A 274 -20.09 -12.06 -4.05
N GLY A 275 -19.12 -12.56 -4.82
CA GLY A 275 -19.18 -12.43 -6.27
C GLY A 275 -18.62 -11.13 -6.84
N ILE A 276 -17.88 -10.38 -6.02
CA ILE A 276 -17.40 -9.06 -6.42
C ILE A 276 -16.02 -9.09 -7.03
N ILE A 277 -15.89 -8.55 -8.23
CA ILE A 277 -14.59 -8.38 -8.87
C ILE A 277 -14.16 -6.93 -8.78
N LYS A 278 -12.97 -6.71 -8.26
CA LYS A 278 -12.37 -5.38 -8.22
C LYS A 278 -11.51 -5.21 -9.45
N VAL A 279 -11.63 -4.05 -10.09
CA VAL A 279 -10.83 -3.73 -11.26
C VAL A 279 -10.07 -2.44 -11.00
N CYS A 280 -8.78 -2.42 -11.33
CA CYS A 280 -7.99 -1.19 -11.32
C CYS A 280 -7.42 -0.97 -12.70
N ASP A 281 -7.20 0.29 -13.07
CA ASP A 281 -6.45 0.59 -14.28
C ASP A 281 -4.97 0.68 -13.90
N GLU A 282 -4.12 1.09 -14.83
CA GLU A 282 -2.72 1.41 -14.47
C GLU A 282 -2.38 2.78 -15.02
N PHE A 283 -1.86 3.67 -14.17
CA PHE A 283 -1.57 5.03 -14.57
C PHE A 283 -0.69 5.66 -13.48
N PRO A 284 -0.15 6.87 -13.70
CA PRO A 284 0.83 7.37 -12.72
C PRO A 284 0.23 7.99 -11.47
N GLY A 285 -1.08 7.90 -11.26
CA GLY A 285 -1.69 8.47 -10.07
C GLY A 285 -2.17 9.92 -10.23
N PHE A 286 -3.02 10.36 -9.29
CA PHE A 286 -3.49 11.73 -9.24
C PHE A 286 -3.08 12.45 -7.95
N THR A 287 -2.49 13.64 -8.06
CA THR A 287 -2.27 14.46 -6.88
C THR A 287 -3.52 15.26 -6.53
N HIS A 288 -3.51 15.86 -5.34
CA HIS A 288 -4.54 16.80 -4.92
C HIS A 288 -3.89 17.93 -4.13
N PHE A 289 -3.14 18.78 -4.82
CA PHE A 289 -2.44 19.90 -4.19
C PHE A 289 -3.43 20.90 -3.59
N LYS A 290 -3.16 21.29 -2.35
CA LYS A 290 -3.96 22.26 -1.63
C LYS A 290 -3.07 22.99 -0.64
N MET A 291 -3.57 24.10 -0.12
CA MET A 291 -2.87 24.87 0.89
C MET A 291 -2.83 24.11 2.20
N HIS A 292 -1.63 23.92 2.75
CA HIS A 292 -1.48 23.21 4.02
C HIS A 292 -0.13 23.47 4.69
N GLN A 293 -0.14 23.66 6.01
CA GLN A 293 1.13 23.76 6.73
C GLN A 293 1.38 22.53 7.57
N PRO A 294 2.42 21.77 7.21
CA PRO A 294 2.88 20.64 8.01
C PRO A 294 3.78 21.14 9.12
N TYR A 295 3.93 20.37 10.19
CA TYR A 295 4.81 20.80 11.27
C TYR A 295 6.29 20.68 10.88
N GLY A 296 7.06 21.72 11.17
CA GLY A 296 8.48 21.69 10.85
C GLY A 296 8.75 22.62 9.69
N SER A 297 7.70 22.95 8.95
CA SER A 297 7.82 24.03 7.98
C SER A 297 7.37 25.34 8.61
N PRO A 298 8.22 26.38 8.49
CA PRO A 298 7.90 27.69 9.09
C PRO A 298 6.72 28.36 8.38
N VAL A 299 6.44 27.94 7.15
CA VAL A 299 5.36 28.53 6.37
C VAL A 299 4.58 27.43 5.65
N PRO A 300 3.30 27.69 5.30
CA PRO A 300 2.55 26.73 4.47
C PRO A 300 3.30 26.36 3.19
N LYS A 301 3.02 25.18 2.67
CA LYS A 301 3.69 24.72 1.47
C LYS A 301 2.62 24.14 0.55
N LEU A 302 2.84 24.16 -0.76
CA LEU A 302 1.89 23.49 -1.63
C LEU A 302 2.14 22.01 -1.49
N ILE A 303 1.08 21.29 -1.19
CA ILE A 303 1.23 19.88 -0.89
C ILE A 303 0.03 19.08 -1.34
N SER A 304 0.30 17.90 -1.88
CA SER A 304 -0.76 16.99 -2.30
C SER A 304 -1.39 16.40 -1.04
N VAL A 305 -2.62 16.81 -0.76
CA VAL A 305 -3.36 16.35 0.41
C VAL A 305 -4.46 15.40 -0.02
N PRO A 306 -4.50 14.19 0.57
CA PRO A 306 -5.56 13.26 0.20
C PRO A 306 -6.96 13.85 0.36
N ARG A 307 -7.80 13.54 -0.62
CA ARG A 307 -9.22 13.84 -0.56
C ARG A 307 -9.84 12.53 -0.11
N SER A 308 -10.24 12.47 1.16
CA SER A 308 -10.60 11.18 1.75
C SER A 308 -12.03 10.77 1.48
N HIS A 309 -12.17 9.59 0.87
CA HIS A 309 -13.48 9.02 0.54
C HIS A 309 -14.32 8.74 1.78
N ALA A 310 -13.68 8.26 2.85
CA ALA A 310 -14.39 8.01 4.11
C ALA A 310 -15.07 9.29 4.60
N LYS A 311 -14.35 10.41 4.52
CA LYS A 311 -14.89 11.69 4.97
C LYS A 311 -15.91 12.24 3.98
N HIS A 312 -15.75 11.86 2.72
CA HIS A 312 -16.54 12.41 1.62
C HIS A 312 -17.02 11.28 0.73
N PRO A 313 -17.95 10.46 1.26
CA PRO A 313 -18.31 9.24 0.53
C PRO A 313 -19.07 9.47 -0.79
N THR A 314 -19.42 10.73 -1.08
CA THR A 314 -20.07 11.08 -2.34
C THR A 314 -19.07 11.28 -3.50
N ASP A 315 -17.79 11.38 -3.18
CA ASP A 315 -16.75 11.39 -4.22
C ASP A 315 -16.75 10.07 -4.95
N THR A 316 -16.32 10.06 -6.21
CA THR A 316 -15.98 8.80 -6.87
C THR A 316 -14.55 8.90 -7.42
N TYR A 317 -14.43 9.10 -8.72
CA TYR A 317 -13.11 9.32 -9.35
C TYR A 317 -13.30 10.08 -10.69
N PRO A 318 -12.18 10.54 -11.31
CA PRO A 318 -12.36 11.35 -12.52
C PRO A 318 -13.01 10.60 -13.68
N HIS A 319 -13.66 11.35 -14.57
CA HIS A 319 -14.21 10.78 -15.80
C HIS A 319 -13.14 9.96 -16.54
N ALA A 320 -11.91 10.46 -16.55
CA ALA A 320 -10.83 9.79 -17.28
C ALA A 320 -10.58 8.38 -16.73
N SER A 321 -10.80 8.22 -15.43
CA SER A 321 -10.64 6.93 -14.77
C SER A 321 -11.74 5.94 -15.16
N GLU A 322 -12.95 6.44 -15.37
CA GLU A 322 -14.04 5.59 -15.84
C GLU A 322 -13.64 4.99 -17.18
N VAL A 323 -13.10 5.82 -18.06
CA VAL A 323 -12.66 5.37 -19.37
C VAL A 323 -11.62 4.26 -19.28
N THR A 324 -10.56 4.46 -18.49
CA THR A 324 -9.50 3.46 -18.46
C THR A 324 -9.89 2.18 -17.70
N ILE A 325 -10.71 2.32 -16.67
CA ILE A 325 -11.20 1.13 -16.00
C ILE A 325 -12.10 0.31 -16.95
N LYS A 326 -12.92 0.99 -17.73
CA LYS A 326 -13.76 0.24 -18.67
C LYS A 326 -12.92 -0.41 -19.78
N LYS A 327 -11.80 0.22 -20.12
CA LYS A 327 -10.86 -0.37 -21.09
C LYS A 327 -10.23 -1.65 -20.56
N ALA A 328 -9.96 -1.68 -19.26
CA ALA A 328 -9.41 -2.88 -18.63
C ALA A 328 -10.45 -3.98 -18.63
N ILE A 329 -11.70 -3.59 -18.39
CA ILE A 329 -12.77 -4.57 -18.36
C ILE A 329 -12.95 -5.15 -19.77
N ASN A 330 -12.88 -4.31 -20.80
CA ASN A 330 -12.99 -4.82 -22.16
C ASN A 330 -11.82 -5.75 -22.51
N ARG A 331 -10.64 -5.42 -22.01
CA ARG A 331 -9.46 -6.20 -22.30
C ARG A 331 -9.52 -7.60 -21.68
N PHE A 332 -9.88 -7.65 -20.40
CA PHE A 332 -9.78 -8.87 -19.59
C PHE A 332 -11.07 -9.64 -19.43
N LEU A 333 -12.18 -8.89 -19.41
CA LEU A 333 -13.49 -9.41 -19.05
C LEU A 333 -14.60 -8.93 -20.00
N PRO A 334 -14.39 -9.06 -21.33
CA PRO A 334 -15.34 -8.39 -22.23
C PRO A 334 -16.77 -8.93 -22.13
N ARG A 335 -16.93 -10.15 -21.64
CA ARG A 335 -18.26 -10.71 -21.42
C ARG A 335 -19.04 -9.90 -20.38
N PHE A 336 -18.32 -9.11 -19.58
CA PHE A 336 -18.95 -8.29 -18.54
C PHE A 336 -18.96 -6.80 -18.86
N ASN A 337 -18.78 -6.44 -20.13
CA ASN A 337 -18.79 -5.04 -20.54
C ASN A 337 -20.08 -4.32 -20.15
N ASP A 338 -21.18 -5.05 -19.99
CA ASP A 338 -22.44 -4.40 -19.69
C ASP A 338 -22.75 -4.39 -18.19
N LYS A 339 -21.89 -4.99 -17.39
CA LYS A 339 -22.04 -4.94 -15.93
C LYS A 339 -21.87 -3.53 -15.42
N GLU A 340 -22.70 -3.13 -14.48
CA GLU A 340 -22.58 -1.81 -13.90
C GLU A 340 -21.42 -1.69 -12.92
N LEU A 341 -20.63 -0.63 -13.07
CA LEU A 341 -19.54 -0.34 -12.14
C LEU A 341 -20.14 0.31 -10.88
N PHE A 342 -19.60 -0.03 -9.70
CA PHE A 342 -20.09 0.58 -8.48
C PHE A 342 -19.00 0.57 -7.40
N ASN A 343 -19.25 1.28 -6.30
CA ASN A 343 -18.25 1.50 -5.26
C ASN A 343 -16.93 2.01 -5.86
N ARG A 344 -17.06 2.94 -6.81
CA ARG A 344 -15.94 3.64 -7.38
C ARG A 344 -15.27 4.50 -6.31
N ALA A 345 -13.95 4.46 -6.22
CA ALA A 345 -13.28 5.23 -5.18
C ALA A 345 -11.86 5.57 -5.54
N MET A 346 -11.33 6.60 -4.88
CA MET A 346 -9.90 6.90 -4.96
C MET A 346 -9.25 6.40 -3.67
N CYS A 347 -8.03 5.91 -3.82
CA CYS A 347 -7.28 5.24 -2.76
C CYS A 347 -5.88 5.86 -2.76
N TRP A 348 -5.38 6.26 -1.59
CA TRP A 348 -4.21 7.16 -1.52
C TRP A 348 -2.93 6.49 -1.03
N CYS A 349 -1.83 6.77 -1.74
CA CYS A 349 -0.49 6.33 -1.35
C CYS A 349 0.45 7.53 -1.39
N THR A 350 1.68 7.34 -0.94
CA THR A 350 2.67 8.41 -1.03
C THR A 350 3.96 7.87 -1.67
N ASP A 351 4.34 8.46 -2.82
CA ASP A 351 5.54 8.03 -3.54
C ASP A 351 6.80 8.73 -3.06
N THR A 352 7.88 7.97 -2.92
CA THR A 352 9.22 8.55 -2.83
C THR A 352 9.81 8.58 -4.24
N ALA A 353 10.96 9.24 -4.40
CA ALA A 353 11.57 9.35 -5.71
C ALA A 353 12.01 8.00 -6.28
N ASP A 354 12.53 7.11 -5.43
CA ASP A 354 13.06 5.84 -5.91
C ASP A 354 12.17 4.63 -5.55
N ALA A 355 11.04 4.91 -4.90
CA ALA A 355 10.01 3.93 -4.49
C ALA A 355 10.47 3.02 -3.34
N ASN A 356 11.63 3.32 -2.77
CA ASN A 356 11.99 2.79 -1.46
C ASN A 356 11.14 3.44 -0.37
N LEU A 357 10.93 2.74 0.74
CA LEU A 357 10.23 3.32 1.88
C LEU A 357 10.98 4.49 2.50
N LEU A 358 10.30 5.23 3.36
CA LEU A 358 10.94 6.24 4.19
C LEU A 358 10.71 5.81 5.62
N VAL A 359 11.70 5.13 6.17
CA VAL A 359 11.61 4.56 7.50
C VAL A 359 12.91 4.89 8.21
N CYS A 360 12.85 5.85 9.12
CA CYS A 360 14.06 6.44 9.68
C CYS A 360 13.70 7.31 10.88
N GLU A 361 14.67 7.58 11.74
CA GLU A 361 14.46 8.57 12.77
C GLU A 361 14.50 9.94 12.09
N HIS A 362 13.72 10.87 12.61
CA HIS A 362 13.76 12.23 12.10
C HIS A 362 15.17 12.75 12.35
N PRO A 363 15.72 13.51 11.39
CA PRO A 363 17.11 13.98 11.52
C PRO A 363 17.31 14.90 12.71
N ARG A 364 16.26 15.59 13.13
CA ARG A 364 16.40 16.53 14.24
C ARG A 364 15.62 16.12 15.48
N TRP A 365 14.38 15.70 15.28
CA TRP A 365 13.49 15.35 16.39
C TRP A 365 13.80 13.96 16.88
N LYS A 366 14.76 13.83 17.78
CA LYS A 366 15.12 12.52 18.31
C LYS A 366 13.92 11.93 19.07
N GLY A 367 13.66 10.65 18.87
CA GLY A 367 12.49 10.02 19.47
C GLY A 367 11.30 9.98 18.53
N PHE A 368 11.36 10.75 17.44
CA PHE A 368 10.30 10.77 16.41
C PHE A 368 10.77 10.02 15.16
N TYR A 369 9.99 9.00 14.74
CA TYR A 369 10.38 8.13 13.64
C TYR A 369 9.35 8.17 12.51
N LEU A 370 9.85 8.20 11.28
CA LEU A 370 9.02 8.11 10.09
C LEU A 370 8.87 6.65 9.68
N ALA A 371 7.65 6.26 9.32
CA ALA A 371 7.41 4.94 8.78
C ALA A 371 6.40 5.09 7.66
N THR A 372 6.87 5.52 6.50
CA THR A 372 5.98 5.90 5.42
C THR A 372 6.70 5.72 4.06
N GLY A 373 6.35 6.53 3.07
CA GLY A 373 6.92 6.33 1.73
C GLY A 373 6.52 5.00 1.08
N ASP A 374 5.34 4.49 1.43
CA ASP A 374 4.83 3.20 0.93
C ASP A 374 4.93 3.01 -0.58
N SER A 375 4.85 4.11 -1.31
CA SER A 375 5.04 4.15 -2.77
C SER A 375 4.12 3.20 -3.55
N GLY A 376 2.94 2.90 -3.00
CA GLY A 376 1.91 2.17 -3.72
C GLY A 376 2.15 0.69 -3.90
N HIS A 377 3.10 0.13 -3.15
CA HIS A 377 3.42 -1.28 -3.31
C HIS A 377 3.65 -1.98 -1.97
N SER A 378 3.10 -1.44 -0.88
CA SER A 378 3.48 -1.95 0.44
C SER A 378 2.40 -2.67 1.22
N PHE A 379 1.20 -2.86 0.64
CA PHE A 379 0.24 -3.65 1.42
C PHE A 379 0.77 -5.06 1.67
N LYS A 380 1.47 -5.62 0.68
CA LYS A 380 1.99 -6.97 0.81
C LYS A 380 2.96 -7.11 2.00
N LEU A 381 3.47 -5.98 2.50
CA LEU A 381 4.39 -6.01 3.64
C LEU A 381 3.70 -5.91 4.99
N LEU A 382 2.38 -6.00 5.01
CA LEU A 382 1.65 -5.97 6.29
C LEU A 382 2.23 -6.90 7.37
N PRO A 383 2.55 -8.17 7.03
CA PRO A 383 2.98 -9.03 8.14
C PRO A 383 4.35 -8.67 8.72
N ASN A 384 5.25 -8.16 7.88
CA ASN A 384 6.65 -8.06 8.29
C ASN A 384 7.21 -6.64 8.45
N ILE A 385 6.57 -5.62 7.88
CA ILE A 385 7.24 -4.31 7.90
C ILE A 385 7.38 -3.82 9.34
N GLY A 386 6.42 -4.17 10.20
CA GLY A 386 6.47 -3.72 11.59
C GLY A 386 7.68 -4.28 12.31
N LYS A 387 8.15 -5.45 11.90
CA LYS A 387 9.31 -6.04 12.51
C LYS A 387 10.53 -5.13 12.35
N HIS A 388 10.68 -4.54 11.18
CA HIS A 388 11.81 -3.66 10.90
C HIS A 388 11.62 -2.25 11.47
N VAL A 389 10.38 -1.79 11.62
CA VAL A 389 10.16 -0.53 12.30
C VAL A 389 10.60 -0.67 13.77
N VAL A 390 10.26 -1.81 14.40
CA VAL A 390 10.70 -2.04 15.77
C VAL A 390 12.22 -2.11 15.83
N GLU A 391 12.85 -2.78 14.84
CA GLU A 391 14.32 -2.83 14.83
C GLU A 391 14.91 -1.43 14.77
N LEU A 392 14.31 -0.57 13.95
CA LEU A 392 14.75 0.82 13.84
C LEU A 392 14.60 1.55 15.17
N LEU A 393 13.45 1.40 15.82
CA LEU A 393 13.23 2.01 17.14
C LEU A 393 14.33 1.63 18.12
N GLU A 394 14.84 0.39 17.99
CA GLU A 394 15.77 -0.18 18.97
C GLU A 394 17.24 -0.07 18.53
N GLY A 395 17.48 0.59 17.40
CA GLY A 395 18.83 0.73 16.87
C GLY A 395 19.43 -0.54 16.29
N ARG A 396 18.58 -1.45 15.80
CA ARG A 396 19.05 -2.75 15.34
C ARG A 396 18.75 -3.01 13.86
N LEU A 397 18.41 -1.96 13.12
CA LEU A 397 17.99 -2.14 11.74
C LEU A 397 19.20 -2.42 10.86
N GLU A 398 19.20 -3.52 10.13
CA GLU A 398 20.37 -3.84 9.30
C GLU A 398 20.52 -2.87 8.13
N SER A 399 21.75 -2.68 7.67
CA SER A 399 22.06 -1.62 6.73
C SER A 399 21.34 -1.71 5.38
N VAL A 400 21.06 -2.92 4.90
CA VAL A 400 20.39 -3.03 3.62
C VAL A 400 19.04 -2.28 3.67
N PHE A 401 18.39 -2.32 4.82
CA PHE A 401 17.11 -1.61 4.99
C PHE A 401 17.36 -0.17 5.36
N LYS A 402 18.23 0.04 6.35
CA LYS A 402 18.48 1.37 6.87
C LYS A 402 18.95 2.33 5.76
N ASP A 403 19.86 1.85 4.92
CA ASP A 403 20.42 2.66 3.83
C ASP A 403 19.34 3.02 2.80
N ALA A 404 18.50 2.05 2.45
CA ALA A 404 17.48 2.27 1.43
C ALA A 404 16.36 3.20 1.92
N TRP A 405 16.14 3.18 3.22
CA TRP A 405 14.97 3.83 3.81
C TRP A 405 15.31 5.17 4.45
N ARG A 406 16.56 5.59 4.29
CA ARG A 406 17.09 6.76 5.02
C ARG A 406 16.45 8.11 4.65
N TRP A 407 16.52 9.06 5.58
CA TRP A 407 16.18 10.45 5.31
C TRP A 407 16.98 10.93 4.10
N ARG A 408 16.29 11.38 3.05
CA ARG A 408 17.00 11.72 1.81
C ARG A 408 16.38 12.83 0.95
N PRO A 409 16.12 14.00 1.54
CA PRO A 409 15.60 15.10 0.72
C PRO A 409 16.54 15.46 -0.43
N GLY A 410 15.99 15.90 -1.56
CA GLY A 410 16.80 16.23 -2.71
C GLY A 410 17.35 15.02 -3.43
N SER A 411 16.77 13.83 -3.22
CA SER A 411 17.28 12.64 -3.89
C SER A 411 16.54 12.25 -5.17
N GLY A 412 15.68 13.14 -5.67
CA GLY A 412 14.97 12.87 -6.91
C GLY A 412 13.55 13.40 -6.89
N ASP A 413 12.87 13.29 -8.03
CA ASP A 413 11.53 13.88 -8.18
C ASP A 413 10.44 12.86 -7.89
N ALA A 414 9.78 13.01 -6.76
CA ALA A 414 8.77 12.05 -6.32
C ALA A 414 7.42 12.28 -7.01
N LEU A 415 7.26 13.41 -7.68
CA LEU A 415 6.04 13.62 -8.45
C LEU A 415 5.98 12.62 -9.61
N LYS A 416 7.15 12.29 -10.16
CA LYS A 416 7.20 11.27 -11.20
C LYS A 416 7.59 9.93 -10.59
N SER A 417 8.45 9.96 -9.58
CA SER A 417 8.88 8.72 -8.92
C SER A 417 9.42 7.75 -9.97
N ARG A 418 9.12 6.46 -9.81
CA ARG A 418 9.57 5.47 -10.79
C ARG A 418 8.50 5.21 -11.85
N ARG A 419 7.51 6.09 -11.93
CA ARG A 419 6.36 5.88 -12.80
C ARG A 419 6.57 6.53 -14.17
N ALA A 420 5.58 6.39 -15.06
CA ALA A 420 5.77 6.79 -16.46
C ALA A 420 5.79 8.31 -16.67
N ALA A 421 5.19 9.05 -15.74
CA ALA A 421 5.03 10.48 -15.91
C ALA A 421 4.73 11.13 -14.55
N PRO A 422 5.00 12.45 -14.44
CA PRO A 422 4.53 13.14 -13.24
C PRO A 422 3.02 13.01 -13.11
N ALA A 423 2.53 12.77 -11.92
CA ALA A 423 1.09 12.62 -11.71
C ALA A 423 0.38 13.87 -12.16
N LYS A 424 -0.79 13.71 -12.79
CA LYS A 424 -1.68 14.84 -13.04
C LYS A 424 -2.41 15.18 -11.75
N ASP A 425 -3.02 16.36 -11.68
CA ASP A 425 -3.72 16.79 -10.46
C ASP A 425 -5.24 16.74 -10.60
N LEU A 426 -5.93 16.39 -9.53
CA LEU A 426 -7.39 16.29 -9.55
C LEU A 426 -8.08 17.58 -9.98
N ALA A 427 -7.46 18.72 -9.70
CA ALA A 427 -8.04 20.01 -10.07
C ALA A 427 -8.21 20.14 -11.57
N ASP A 428 -7.48 19.32 -12.32
CA ASP A 428 -7.51 19.38 -13.77
C ASP A 428 -8.28 18.21 -14.37
N MET A 429 -8.79 17.33 -13.51
CA MET A 429 -9.49 16.12 -13.96
C MET A 429 -10.96 16.14 -13.53
N PRO A 430 -11.85 16.53 -14.43
CA PRO A 430 -13.28 16.67 -14.07
C PRO A 430 -13.96 15.34 -13.72
N GLY A 431 -14.95 15.40 -12.81
CA GLY A 431 -15.88 14.31 -12.59
C GLY A 431 -15.92 13.62 -11.23
N TRP A 432 -14.90 13.81 -10.39
CA TRP A 432 -14.80 12.99 -9.18
C TRP A 432 -15.66 13.50 -8.03
N ARG A 433 -16.04 14.77 -8.07
CA ARG A 433 -16.92 15.34 -7.05
C ARG A 433 -18.37 14.91 -7.26
N ASN A 434 -18.69 14.61 -8.51
CA ASN A 434 -19.94 13.96 -8.92
C ASN A 434 -21.18 14.39 -8.15
PA FAD B . -2.34 3.55 5.28
O1A FAD B . -2.57 2.15 5.29
O2A FAD B . -3.18 4.28 4.50
O5B FAD B . -2.30 4.10 6.72
C5B FAD B . -2.25 5.43 7.03
C4B FAD B . -3.19 5.77 8.19
O4B FAD B . -2.99 7.08 8.64
C3B FAD B . -4.67 5.66 7.94
O3B FAD B . -5.17 4.74 8.84
C2B FAD B . -5.23 7.04 8.28
O2B FAD B . -6.49 7.06 8.83
C1B FAD B . -4.15 7.53 9.24
N9A FAD B . -4.06 8.97 9.43
C8A FAD B . -4.11 9.88 8.52
N7A FAD B . -3.95 11.08 9.05
C5A FAD B . -3.80 10.93 10.35
C6A FAD B . -3.59 11.81 11.50
N6A FAD B . -3.52 13.08 11.28
N1A FAD B . -3.46 11.23 12.70
C2A FAD B . -3.53 9.91 12.83
N3A FAD B . -3.73 9.08 11.84
C4A FAD B . -3.85 9.53 10.59
N1 FAD B . -0.14 -2.69 -2.53
C2 FAD B . 0.25 -3.94 -2.74
O2 FAD B . 1.19 -4.35 -2.10
N3 FAD B . -0.38 -4.70 -3.66
C4 FAD B . -1.43 -4.25 -4.37
O4 FAD B . -2.04 -4.92 -5.17
C4X FAD B . -1.92 -2.86 -4.16
N5 FAD B . -2.99 -2.29 -4.75
C5X FAD B . -3.41 -1.04 -4.50
C6 FAD B . -4.48 -0.45 -5.13
C7 FAD B . -4.87 0.82 -4.80
C7M FAD B . -6.02 1.43 -5.49
C8 FAD B . -4.10 1.59 -3.82
C8M FAD B . -4.46 2.96 -3.44
C9 FAD B . -3.05 1.02 -3.19
C9A FAD B . -2.66 -0.25 -3.50
N10 FAD B . -1.57 -0.82 -2.86
C10 FAD B . -1.18 -2.11 -3.14
C1' FAD B . -0.75 -0.08 -1.90
C2' FAD B . -1.04 -0.24 -0.46
O2' FAD B . -2.40 -0.03 -0.31
C3' FAD B . -0.24 0.84 0.34
O3' FAD B . 1.07 0.90 -0.09
C4' FAD B . -0.26 0.59 1.83
O4' FAD B . -1.50 0.15 2.17
C5' FAD B . 0.24 1.83 2.59
O5' FAD B . 0.08 1.81 3.98
P FAD B . 0.29 3.03 4.89
O1P FAD B . 0.25 2.47 6.15
O2P FAD B . 1.46 3.70 4.45
O3P FAD B . -1.02 3.88 4.60
OAB FSA C . 2.90 -4.00 -5.85
CAL FSA C . 2.16 -4.90 -6.34
OAA FSA C . 2.46 -6.12 -6.42
CAH FSA C . 0.80 -4.47 -6.88
SAK FSA C . 0.57 -2.66 -6.64
C1 FSA C . -1.10 -2.38 -7.40
C2 FSA C . -1.28 -0.88 -7.66
O2 FSA C . -2.63 -0.62 -8.04
C3 FSA C . -0.32 -0.40 -8.75
O3 FSA C . -0.59 -1.14 -9.98
C4 FSA C . -0.47 1.07 -9.00
O4 FSA C . 0.53 1.45 -9.97
C5 FSA C . -0.18 1.79 -7.69
O5 FSA C . 1.17 1.48 -7.26
C6 FSA C . -1.16 1.32 -6.62
O6 FSA C . -1.01 -0.14 -6.45
S1 D1D D . -17.45 3.67 10.67
C1 D1D D . -17.64 3.77 8.95
C2 D1D D . -17.16 4.99 8.22
O2 D1D D . -17.63 4.91 6.87
C3 D1D D . -17.54 6.29 8.89
O3 D1D D . -17.45 7.44 8.04
C4 D1D D . -16.85 6.50 10.23
S4 D1D D . -16.26 5.16 11.19
S1 D1D E . -16.52 8.83 13.08
C1 D1D E . -16.31 10.44 13.74
C2 D1D E . -15.50 11.29 12.77
O2 D1D E . -15.60 12.66 13.17
C3 D1D E . -14.03 10.88 12.77
O3 D1D E . -13.29 11.80 11.95
C4 D1D E . -13.83 9.49 12.16
S4 D1D E . -14.60 8.23 13.11
S1 D1D F . 17.48 -14.29 -0.14
C1 D1D F . 19.23 -14.57 -0.23
C2 D1D F . 20.06 -13.35 0.13
O2 D1D F . 21.35 -13.47 -0.44
C3 D1D F . 19.37 -12.10 -0.38
O3 D1D F . 20.35 -11.11 -0.71
C4 D1D F . 18.50 -11.58 0.75
S4 D1D F . 17.22 -12.72 1.09
S1 D1D G . -18.22 8.52 -14.67
C1 D1D G . -19.46 7.65 -13.74
C2 D1D G . -19.88 8.50 -12.54
O2 D1D G . -20.95 7.87 -11.81
C3 D1D G . -18.77 8.63 -11.54
O3 D1D G . -19.40 9.19 -10.37
C4 D1D G . -17.71 9.61 -11.99
S4 D1D G . -16.83 8.81 -13.27
S SO4 H . 12.20 -11.81 21.94
O1 SO4 H . 11.61 -12.49 20.79
O2 SO4 H . 13.03 -10.69 21.49
O3 SO4 H . 11.12 -11.29 22.78
O4 SO4 H . 12.98 -12.78 22.70
S SO4 I . -13.65 -6.12 7.79
O1 SO4 I . -12.27 -6.13 7.32
O2 SO4 I . -14.54 -6.45 6.68
O3 SO4 I . -13.98 -4.80 8.33
O4 SO4 I . -13.82 -7.12 8.84
S SO4 J . -14.34 -3.35 2.82
O1 SO4 J . -14.15 -4.78 3.01
O2 SO4 J . -14.35 -3.01 1.41
O3 SO4 J . -15.62 -2.96 3.42
O4 SO4 J . -13.25 -2.63 3.48
#